data_1RUR
#
_entry.id   1RUR
#
_cell.length_a   179.275
_cell.length_b   40.310
_cell.length_c   67.631
_cell.angle_alpha   90.00
_cell.angle_beta   109.91
_cell.angle_gamma   90.00
#
_symmetry.space_group_name_H-M   'C 1 2 1'
#
loop_
_entity.id
_entity.type
_entity.pdbx_description
1 polymer 'immunoglobulin 13G5, light chain'
2 polymer 'immunoglobulin 13G5, heavy chain'
3 non-polymer 'ZINC ION'
4 water water
#
loop_
_entity_poly.entity_id
_entity_poly.type
_entity_poly.pdbx_seq_one_letter_code
_entity_poly.pdbx_strand_id
1 'polypeptide(L)'
;DIVLTQAAFSNPVTLGASASISCRSSKSLLNSNGIIHMYWYLQKPGQSPQLLIYQMSKLASGAPDRFSGSGSGTDFTLRI
SRVEAEDVGVYYCAQNLELPYTFGGGTKLEIKRADAAPTVSIFPPSSEQLTSGGASVVCFLNNFYPKDINVKWKIDGSER
QNGVLNSWTDQDTKDSTYSMSSTLTLTKDEYERHNSYTCEATHKTSTSPIVKSFNRN
;
L
2 'polypeptide(L)'
;EVQLEESGPELVRPGTSVKISCKASGYTFTNYWLGWVKQRPGHGFEWIGDIYPGGVYTTNNEKFRGKAILTADTSSSTAY
MQLSSLTSEDSAVYFCARAGGYYTGGDYWGQGTSVTVSSAKTTPPSVYPLAPGSAAQTNSMVTLGCLVKGYFPEPVTVTW
NSGSLSSGVHTFPAVLQSDLYTLSSSVTVPSSTWPSETVTCNVAHPASSTKVDKKIVP
;
H
#
# COMPACT_ATOMS: atom_id res chain seq x y z
N ASP A 1 25.63 12.90 -1.09
CA ASP A 1 24.22 12.81 -0.71
C ASP A 1 23.97 13.19 0.73
N ILE A 2 23.12 14.14 1.08
CA ILE A 2 22.83 14.34 2.50
C ILE A 2 21.97 13.18 2.99
N VAL A 3 22.42 12.58 4.09
CA VAL A 3 21.77 11.40 4.63
C VAL A 3 20.92 11.81 5.83
N LEU A 4 19.66 11.43 5.76
CA LEU A 4 18.70 11.62 6.84
C LEU A 4 18.39 10.29 7.49
N THR A 5 18.69 10.18 8.78
CA THR A 5 18.55 8.90 9.48
C THR A 5 17.37 8.95 10.44
N GLN A 6 16.41 8.06 10.25
CA GLN A 6 15.25 7.85 11.07
C GLN A 6 15.14 6.36 11.44
N ALA A 7 14.53 6.14 12.60
CA ALA A 7 14.30 4.77 13.04
C ALA A 7 13.20 4.18 12.17
N ALA A 8 13.28 2.89 11.88
CA ALA A 8 12.26 2.27 11.04
C ALA A 8 10.93 2.14 11.75
N PHE A 9 10.93 2.09 13.08
CA PHE A 9 9.70 1.90 13.81
C PHE A 9 9.70 2.74 15.07
N SER A 10 8.48 3.06 15.48
CA SER A 10 8.15 3.72 16.72
C SER A 10 7.85 2.66 17.77
N ASN A 11 8.07 2.90 19.07
CA ASN A 11 7.39 1.92 19.94
C ASN A 11 5.89 2.06 19.79
N PRO A 12 5.08 1.01 19.94
CA PRO A 12 3.62 1.19 19.98
C PRO A 12 3.20 2.28 20.97
N VAL A 13 2.37 3.20 20.48
CA VAL A 13 1.88 4.32 21.23
C VAL A 13 0.42 4.15 21.65
N THR A 14 0.14 4.30 22.94
CA THR A 14 -1.24 4.23 23.39
C THR A 14 -2.10 5.35 22.81
N LEU A 15 -3.27 4.92 22.35
CA LEU A 15 -4.22 5.84 21.71
C LEU A 15 -4.51 7.01 22.62
N GLY A 16 -4.35 8.24 22.13
CA GLY A 16 -4.62 9.40 22.96
C GLY A 16 -3.43 9.98 23.70
N ALA A 17 -2.27 9.34 23.70
CA ALA A 17 -1.00 9.63 24.31
C ALA A 17 -0.09 10.42 23.36
N SER A 18 0.93 11.10 23.90
CA SER A 18 1.86 11.82 23.04
C SER A 18 2.92 10.92 22.42
N ALA A 19 3.42 11.31 21.25
CA ALA A 19 4.50 10.56 20.61
C ALA A 19 5.50 11.52 19.97
N SER A 20 6.67 10.99 19.69
CA SER A 20 7.72 11.75 19.04
C SER A 20 8.45 10.83 18.05
N ILE A 21 8.93 11.40 16.95
CA ILE A 21 9.67 10.72 15.90
C ILE A 21 10.88 11.58 15.56
N SER A 22 12.05 10.98 15.43
CA SER A 22 13.27 11.79 15.30
C SER A 22 13.91 11.57 13.94
N CYS A 23 14.70 12.56 13.56
CA CYS A 23 15.46 12.50 12.32
C CYS A 23 16.78 13.21 12.59
N ARG A 24 17.88 12.65 12.11
CA ARG A 24 19.20 13.28 12.21
C ARG A 24 19.76 13.47 10.81
N SER A 25 20.22 14.67 10.49
CA SER A 25 20.81 14.91 9.18
C SER A 25 22.33 14.84 9.23
N SER A 26 22.95 14.38 8.15
CA SER A 26 24.40 14.30 8.07
C SER A 26 25.05 15.68 7.92
N LYS A 27 24.23 16.69 7.71
CA LYS A 27 24.69 18.06 7.57
C LYS A 27 23.61 19.03 8.05
N SER A 28 24.02 20.17 8.60
CA SER A 28 23.04 21.20 8.97
C SER A 28 22.16 21.55 7.76
N LEU A 29 20.87 21.75 8.02
CA LEU A 29 19.92 22.07 6.93
C LEU A 29 19.56 23.53 6.94
N LEU A 30 20.27 24.34 7.76
CA LEU A 30 20.07 25.78 7.79
C LEU A 30 21.03 26.41 6.81
N ASN A 31 20.48 27.32 6.10
CA ASN A 31 21.11 28.10 5.07
C ASN A 31 21.82 29.28 5.66
N SER A 32 22.43 30.03 4.75
CA SER A 32 23.01 31.27 5.17
C SER A 32 21.89 32.30 5.13
N ASN A 33 20.86 32.01 4.28
CA ASN A 33 19.71 32.88 4.12
C ASN A 33 18.79 32.76 5.33
N GLY A 34 19.13 31.90 6.30
CA GLY A 34 18.27 31.78 7.48
C GLY A 34 17.11 30.81 7.28
N ILE A 35 17.15 30.02 6.21
CA ILE A 35 16.05 29.07 5.99
C ILE A 35 16.45 27.66 6.37
N ILE A 36 15.60 26.93 7.10
CA ILE A 36 15.93 25.53 7.39
C ILE A 36 15.13 24.63 6.47
N HIS A 37 15.82 23.88 5.61
CA HIS A 37 15.17 23.08 4.58
C HIS A 37 14.80 21.68 5.06
N MET A 38 14.00 21.53 6.08
CA MET A 38 13.55 20.27 6.69
C MET A 38 12.03 20.27 6.60
N TYR A 39 11.51 19.10 6.19
CA TYR A 39 10.10 18.86 5.99
C TYR A 39 9.72 17.50 6.59
N TRP A 40 8.52 17.41 7.12
CA TRP A 40 7.98 16.13 7.53
C TRP A 40 6.73 15.81 6.69
N TYR A 41 6.74 14.58 6.18
CA TYR A 41 5.62 14.04 5.41
C TYR A 41 5.03 12.81 6.07
N LEU A 42 3.75 12.53 5.84
CA LEU A 42 3.12 11.30 6.30
C LEU A 42 2.53 10.57 5.09
N GLN A 43 2.83 9.29 4.97
CA GLN A 43 2.15 8.46 3.98
C GLN A 43 1.35 7.35 4.67
N LYS A 44 0.03 7.38 4.46
CA LYS A 44 -0.86 6.32 4.94
C LYS A 44 -0.97 5.23 3.87
N PRO A 45 -1.26 4.02 4.29
CA PRO A 45 -1.29 2.87 3.39
C PRO A 45 -2.17 3.21 2.19
N GLY A 46 -1.64 2.99 1.00
CA GLY A 46 -2.38 3.20 -0.23
C GLY A 46 -2.70 4.63 -0.55
N GLN A 47 -2.01 5.57 0.10
CA GLN A 47 -2.32 6.98 -0.16
C GLN A 47 -1.08 7.74 -0.63
N SER A 48 -1.32 8.93 -1.16
CA SER A 48 -0.21 9.81 -1.50
C SER A 48 0.31 10.45 -0.21
N PRO A 49 1.56 10.88 -0.24
CA PRO A 49 2.12 11.58 0.92
C PRO A 49 1.32 12.87 1.21
N GLN A 50 1.35 13.25 2.49
CA GLN A 50 0.75 14.46 3.01
C GLN A 50 1.83 15.27 3.72
N LEU A 51 1.96 16.56 3.42
CA LEU A 51 2.90 17.43 4.14
C LEU A 51 2.36 17.76 5.52
N LEU A 52 3.21 17.61 6.55
CA LEU A 52 2.76 17.97 7.90
C LEU A 52 3.48 19.21 8.42
N ILE A 53 4.79 19.27 8.22
CA ILE A 53 5.63 20.34 8.75
C ILE A 53 6.60 20.79 7.67
N TYR A 54 6.77 22.12 7.53
CA TYR A 54 7.76 22.63 6.58
C TYR A 54 8.71 23.60 7.28
N GLN A 55 9.94 23.76 6.78
CA GLN A 55 10.94 24.57 7.45
C GLN A 55 11.08 24.24 8.94
N MET A 56 11.17 22.95 9.21
CA MET A 56 11.43 22.31 10.50
C MET A 56 10.31 22.45 11.52
N SER A 57 9.63 23.60 11.60
CA SER A 57 8.71 23.82 12.71
C SER A 57 7.42 24.53 12.29
N LYS A 58 7.20 24.76 10.99
CA LYS A 58 5.95 25.41 10.56
C LYS A 58 4.90 24.39 10.13
N LEU A 59 3.69 24.59 10.64
CA LEU A 59 2.58 23.68 10.41
C LEU A 59 1.97 23.88 9.02
N ALA A 60 2.03 22.82 8.19
CA ALA A 60 1.46 22.89 6.85
C ALA A 60 -0.04 23.12 6.93
N SER A 61 -0.56 23.81 5.93
CA SER A 61 -2.00 23.93 5.70
C SER A 61 -2.56 22.52 5.51
N GLY A 62 -3.68 22.23 6.14
CA GLY A 62 -4.35 20.95 6.03
C GLY A 62 -3.87 19.94 7.05
N ALA A 63 -2.82 20.27 7.79
CA ALA A 63 -2.35 19.40 8.86
C ALA A 63 -2.93 19.79 10.22
N PRO A 64 -3.40 18.81 10.99
CA PRO A 64 -3.98 19.12 12.31
C PRO A 64 -2.91 19.66 13.28
N ASP A 65 -3.31 20.59 14.16
CA ASP A 65 -2.34 21.20 15.07
C ASP A 65 -1.91 20.26 16.19
N ARG A 66 -2.34 18.99 16.19
CA ARG A 66 -1.76 18.00 17.07
C ARG A 66 -0.32 17.77 16.64
N PHE A 67 0.03 18.06 15.39
CA PHE A 67 1.39 17.87 14.93
C PHE A 67 2.23 19.12 15.17
N SER A 68 3.46 18.93 15.57
CA SER A 68 4.42 20.01 15.72
C SER A 68 5.83 19.51 15.41
N GLY A 69 6.70 20.43 15.02
CA GLY A 69 8.08 20.00 14.80
C GLY A 69 9.04 20.98 15.45
N SER A 70 10.24 20.48 15.78
CA SER A 70 11.31 21.35 16.27
C SER A 70 12.67 20.76 15.90
N GLY A 71 13.77 21.44 16.23
CA GLY A 71 15.10 20.87 15.95
C GLY A 71 16.18 21.93 16.16
N SER A 72 17.42 21.51 15.96
CA SER A 72 18.62 22.27 16.18
C SER A 72 19.20 22.75 14.86
N GLY A 73 18.58 22.28 13.77
CA GLY A 73 19.14 22.59 12.44
C GLY A 73 19.87 21.35 11.90
N THR A 74 20.22 20.43 12.82
CA THR A 74 20.88 19.19 12.44
C THR A 74 20.10 17.97 12.90
N ASP A 75 19.48 18.11 14.06
CA ASP A 75 18.64 17.09 14.67
C ASP A 75 17.20 17.61 14.82
N PHE A 76 16.23 16.77 14.48
CA PHE A 76 14.84 17.19 14.33
C PHE A 76 13.90 16.23 15.04
N THR A 77 12.78 16.79 15.49
CA THR A 77 11.73 16.03 16.14
C THR A 77 10.36 16.44 15.63
N LEU A 78 9.58 15.45 15.21
CA LEU A 78 8.15 15.57 14.96
C LEU A 78 7.39 15.12 16.21
N ARG A 79 6.48 15.94 16.71
CA ARG A 79 5.71 15.47 17.86
C ARG A 79 4.24 15.35 17.51
N ILE A 80 3.57 14.41 18.16
CA ILE A 80 2.12 14.27 18.09
C ILE A 80 1.60 14.42 19.51
N SER A 81 0.81 15.47 19.77
CA SER A 81 0.38 15.76 21.14
C SER A 81 -0.56 14.68 21.68
N ARG A 82 -1.47 14.18 20.86
CA ARG A 82 -2.40 13.13 21.19
C ARG A 82 -2.61 12.30 19.91
N VAL A 83 -2.12 11.06 19.95
CA VAL A 83 -2.23 10.20 18.79
C VAL A 83 -3.65 9.66 18.64
N GLU A 84 -4.04 9.68 17.37
CA GLU A 84 -5.33 9.15 16.93
C GLU A 84 -5.08 7.88 16.14
N ALA A 85 -6.04 6.95 16.15
CA ALA A 85 -5.96 5.71 15.37
C ALA A 85 -5.69 5.96 13.90
N GLU A 86 -6.21 7.05 13.33
CA GLU A 86 -5.99 7.34 11.92
C GLU A 86 -4.57 7.82 11.65
N ASP A 87 -3.72 8.05 12.66
CA ASP A 87 -2.36 8.56 12.40
C ASP A 87 -1.36 7.47 12.01
N VAL A 88 -1.81 6.22 12.05
CA VAL A 88 -0.90 5.14 11.63
C VAL A 88 -0.47 5.34 10.17
N GLY A 89 0.79 5.07 9.90
CA GLY A 89 1.40 5.27 8.60
C GLY A 89 2.90 5.46 8.76
N VAL A 90 3.55 5.88 7.69
CA VAL A 90 5.00 6.08 7.73
C VAL A 90 5.31 7.57 7.64
N TYR A 91 6.12 8.04 8.58
CA TYR A 91 6.51 9.43 8.66
C TYR A 91 7.91 9.61 8.08
N TYR A 92 8.05 10.49 7.09
CA TYR A 92 9.32 10.71 6.43
C TYR A 92 9.86 12.11 6.69
N CYS A 93 11.13 12.22 7.05
CA CYS A 93 11.77 13.52 7.01
C CYS A 93 12.37 13.72 5.62
N ALA A 94 12.63 14.98 5.27
CA ALA A 94 13.18 15.23 3.94
C ALA A 94 13.90 16.57 3.91
N GLN A 95 14.86 16.68 2.99
CA GLN A 95 15.62 17.93 2.88
C GLN A 95 15.70 18.44 1.44
N ASN A 96 15.66 19.74 1.23
CA ASN A 96 15.96 20.27 -0.10
C ASN A 96 16.97 21.39 0.00
N LEU A 97 17.87 21.29 0.99
CA LEU A 97 18.96 22.26 1.11
C LEU A 97 19.91 22.16 -0.07
N GLU A 98 20.30 20.92 -0.38
CA GLU A 98 21.28 20.65 -1.41
C GLU A 98 20.85 19.57 -2.39
N LEU A 99 21.39 19.60 -3.60
CA LEU A 99 21.08 18.58 -4.59
C LEU A 99 21.96 17.36 -4.34
N PRO A 100 21.44 16.17 -4.51
CA PRO A 100 20.01 15.92 -4.76
C PRO A 100 19.19 15.98 -3.49
N TYR A 101 17.94 16.41 -3.61
CA TYR A 101 17.06 16.42 -2.45
C TYR A 101 16.88 14.98 -2.00
N THR A 102 16.78 14.74 -0.70
CA THR A 102 16.66 13.38 -0.21
C THR A 102 15.62 13.24 0.90
N PHE A 103 15.21 12.00 1.14
CA PHE A 103 14.29 11.61 2.18
C PHE A 103 14.95 10.70 3.21
N GLY A 104 14.45 10.71 4.42
CA GLY A 104 14.80 9.70 5.42
C GLY A 104 14.14 8.39 5.02
N GLY A 105 14.47 7.28 5.69
CA GLY A 105 13.89 6.00 5.31
C GLY A 105 12.47 5.79 5.80
N GLY A 106 11.95 6.70 6.61
CA GLY A 106 10.60 6.63 7.13
C GLY A 106 10.51 5.86 8.44
N THR A 107 9.65 6.36 9.33
CA THR A 107 9.37 5.74 10.62
C THR A 107 7.90 5.35 10.66
N LYS A 108 7.67 4.05 10.87
CA LYS A 108 6.28 3.59 11.01
C LYS A 108 5.74 3.87 12.42
N LEU A 109 4.64 4.59 12.49
CA LEU A 109 3.96 4.79 13.78
C LEU A 109 3.00 3.64 14.04
N GLU A 110 3.15 2.99 15.19
CA GLU A 110 2.25 1.91 15.57
C GLU A 110 1.41 2.26 16.79
N ILE A 111 0.12 1.97 16.75
CA ILE A 111 -0.77 2.25 17.86
C ILE A 111 -0.81 1.01 18.76
N LYS A 112 -0.68 1.22 20.06
CA LYS A 112 -0.84 0.16 21.03
C LYS A 112 -2.32 0.02 21.36
N ARG A 113 -2.87 -1.17 21.29
CA ARG A 113 -4.28 -1.40 21.66
C ARG A 113 -4.34 -2.71 22.43
N ALA A 114 -5.50 -3.04 22.96
CA ALA A 114 -5.61 -4.33 23.67
C ALA A 114 -5.34 -5.49 22.72
N ASP A 115 -4.79 -6.55 23.31
CA ASP A 115 -4.55 -7.78 22.58
C ASP A 115 -5.86 -8.29 22.00
N ALA A 116 -5.79 -8.88 20.82
CA ALA A 116 -6.99 -9.47 20.19
C ALA A 116 -6.58 -10.72 19.41
N ALA A 117 -7.33 -11.78 19.63
CA ALA A 117 -7.09 -13.05 18.96
C ALA A 117 -7.56 -12.95 17.51
N PRO A 118 -6.87 -13.63 16.59
CA PRO A 118 -7.34 -13.59 15.19
C PRO A 118 -8.63 -14.41 15.06
N THR A 119 -9.56 -13.89 14.26
CA THR A 119 -10.69 -14.67 13.79
C THR A 119 -10.24 -15.42 12.55
N VAL A 120 -10.28 -16.75 12.61
CA VAL A 120 -9.69 -17.56 11.53
C VAL A 120 -10.79 -18.27 10.75
N SER A 121 -10.74 -18.12 9.42
CA SER A 121 -11.69 -18.72 8.51
C SER A 121 -10.96 -19.50 7.42
N ILE A 122 -11.37 -20.73 7.15
CA ILE A 122 -10.67 -21.52 6.13
C ILE A 122 -11.64 -21.82 4.98
N PHE A 123 -11.12 -21.87 3.76
CA PHE A 123 -11.95 -22.12 2.58
C PHE A 123 -11.33 -23.14 1.64
N PRO A 124 -12.07 -24.17 1.25
CA PRO A 124 -11.56 -25.12 0.26
C PRO A 124 -11.53 -24.47 -1.13
N PRO A 125 -10.88 -25.10 -2.08
CA PRO A 125 -10.92 -24.62 -3.47
C PRO A 125 -12.35 -24.57 -3.99
N SER A 126 -12.59 -23.54 -4.80
CA SER A 126 -13.85 -23.46 -5.53
C SER A 126 -13.87 -24.50 -6.65
N SER A 127 -15.06 -24.90 -7.02
CA SER A 127 -15.24 -25.75 -8.19
C SER A 127 -14.59 -25.14 -9.44
N GLU A 128 -14.63 -23.80 -9.55
CA GLU A 128 -14.13 -23.16 -10.76
C GLU A 128 -12.63 -23.30 -10.90
N GLN A 129 -11.98 -23.30 -9.73
CA GLN A 129 -10.54 -23.46 -9.74
C GLN A 129 -10.15 -24.90 -10.09
N LEU A 130 -10.85 -25.84 -9.45
CA LEU A 130 -10.54 -27.24 -9.67
C LEU A 130 -10.63 -27.63 -11.13
N THR A 131 -11.60 -27.03 -11.83
CA THR A 131 -11.78 -27.35 -13.25
C THR A 131 -10.55 -26.93 -14.05
N SER A 132 -9.78 -25.98 -13.52
CA SER A 132 -8.60 -25.54 -14.28
C SER A 132 -7.34 -26.29 -13.82
N GLY A 133 -7.52 -27.28 -12.96
CA GLY A 133 -6.42 -28.08 -12.46
C GLY A 133 -5.73 -27.49 -11.26
N GLY A 134 -6.32 -26.47 -10.66
CA GLY A 134 -5.70 -25.83 -9.51
C GLY A 134 -6.52 -26.04 -8.24
N ALA A 135 -5.88 -25.95 -7.08
CA ALA A 135 -6.56 -26.13 -5.80
C ALA A 135 -5.92 -25.26 -4.72
N SER A 136 -6.48 -24.09 -4.49
CA SER A 136 -5.99 -23.18 -3.46
C SER A 136 -6.87 -23.30 -2.22
N VAL A 137 -6.27 -23.50 -1.06
CA VAL A 137 -6.99 -23.51 0.21
C VAL A 137 -6.63 -22.20 0.88
N VAL A 138 -7.64 -21.42 1.25
CA VAL A 138 -7.36 -20.08 1.76
C VAL A 138 -7.70 -20.02 3.24
N CYS A 139 -6.80 -19.36 3.98
CA CYS A 139 -7.07 -19.10 5.40
C CYS A 139 -6.99 -17.61 5.68
N PHE A 140 -8.04 -16.97 6.18
CA PHE A 140 -7.96 -15.60 6.61
C PHE A 140 -7.81 -15.56 8.13
N LEU A 141 -6.94 -14.68 8.59
CA LEU A 141 -6.69 -14.50 10.03
C LEU A 141 -6.92 -13.01 10.28
N ASN A 142 -8.10 -12.65 10.79
CA ASN A 142 -8.49 -11.26 10.76
C ASN A 142 -8.57 -10.61 12.14
N ASN A 143 -8.18 -9.34 12.15
CA ASN A 143 -8.37 -8.45 13.30
C ASN A 143 -7.74 -8.90 14.61
N PHE A 144 -6.43 -9.19 14.50
CA PHE A 144 -5.62 -9.55 15.66
C PHE A 144 -4.64 -8.43 16.02
N TYR A 145 -4.16 -8.54 17.24
CA TYR A 145 -3.21 -7.61 17.83
C TYR A 145 -2.54 -8.35 18.98
N PRO A 146 -1.21 -8.27 19.12
CA PRO A 146 -0.27 -7.58 18.23
C PRO A 146 0.00 -8.30 16.91
N LYS A 147 0.88 -7.70 16.10
CA LYS A 147 1.00 -8.18 14.73
C LYS A 147 1.75 -9.50 14.62
N ASP A 148 2.56 -9.84 15.62
CA ASP A 148 3.38 -11.05 15.52
C ASP A 148 2.51 -12.31 15.44
N ILE A 149 2.66 -13.07 14.36
CA ILE A 149 1.85 -14.26 14.16
C ILE A 149 2.60 -15.23 13.25
N ASN A 150 2.35 -16.51 13.46
CA ASN A 150 2.94 -17.56 12.63
C ASN A 150 1.81 -18.44 12.12
N VAL A 151 1.74 -18.79 10.84
CA VAL A 151 0.71 -19.70 10.34
C VAL A 151 1.39 -20.99 9.88
N LYS A 152 0.82 -22.14 10.23
CA LYS A 152 1.32 -23.43 9.73
C LYS A 152 0.21 -24.18 9.00
N TRP A 153 0.51 -24.78 7.86
CA TRP A 153 -0.43 -25.63 7.14
C TRP A 153 -0.09 -27.10 7.36
N LYS A 154 -1.12 -27.92 7.53
CA LYS A 154 -0.96 -29.38 7.62
C LYS A 154 -1.94 -30.08 6.67
N ILE A 155 -1.41 -31.10 6.00
CA ILE A 155 -2.14 -31.91 5.04
C ILE A 155 -2.09 -33.34 5.61
N ASP A 156 -3.24 -33.94 5.87
CA ASP A 156 -3.24 -35.27 6.50
C ASP A 156 -2.40 -35.28 7.78
N GLY A 157 -2.35 -34.15 8.47
CA GLY A 157 -1.55 -34.05 9.68
C GLY A 157 -0.10 -33.75 9.44
N SER A 158 0.38 -33.57 8.20
CA SER A 158 1.82 -33.33 8.08
C SER A 158 2.13 -31.91 7.61
N GLU A 159 3.02 -31.19 8.27
CA GLU A 159 3.34 -29.83 7.88
C GLU A 159 3.70 -29.71 6.42
N ARG A 160 3.08 -28.75 5.75
CA ARG A 160 3.42 -28.43 4.38
C ARG A 160 4.01 -27.03 4.35
N GLN A 161 5.21 -26.86 3.78
CA GLN A 161 5.78 -25.52 3.71
C GLN A 161 5.69 -24.99 2.29
N ASN A 162 5.69 -25.93 1.36
CA ASN A 162 5.61 -25.65 -0.06
C ASN A 162 4.22 -25.20 -0.52
N GLY A 163 4.23 -24.22 -1.41
CA GLY A 163 3.07 -23.64 -2.02
C GLY A 163 2.28 -22.67 -1.18
N VAL A 164 2.87 -22.11 -0.13
CA VAL A 164 2.16 -21.16 0.73
C VAL A 164 2.50 -19.74 0.30
N LEU A 165 1.49 -18.88 0.25
CA LEU A 165 1.62 -17.49 -0.12
C LEU A 165 0.90 -16.67 0.97
N ASN A 166 1.67 -15.82 1.63
CA ASN A 166 1.12 -15.02 2.74
C ASN A 166 1.11 -13.55 2.36
N SER A 167 0.11 -12.84 2.87
CA SER A 167 -0.05 -11.41 2.65
C SER A 167 -0.60 -10.80 3.95
N TRP A 168 -0.11 -9.62 4.30
CA TRP A 168 -0.45 -8.98 5.56
C TRP A 168 -0.98 -7.58 5.32
N THR A 169 -1.97 -7.15 6.09
CA THR A 169 -2.42 -5.77 5.94
C THR A 169 -1.57 -4.89 6.85
N ASP A 170 -1.65 -3.59 6.59
CA ASP A 170 -1.07 -2.61 7.51
C ASP A 170 -2.00 -2.44 8.69
N GLN A 171 -1.58 -1.73 9.72
CA GLN A 171 -2.47 -1.62 10.87
C GLN A 171 -3.73 -0.85 10.48
N ASP A 172 -4.90 -1.36 10.87
CA ASP A 172 -6.17 -0.74 10.49
C ASP A 172 -6.30 0.66 11.08
N THR A 173 -6.73 1.64 10.27
CA THR A 173 -6.85 3.00 10.73
C THR A 173 -8.00 3.26 11.70
N LYS A 174 -8.92 2.33 11.85
CA LYS A 174 -10.09 2.46 12.72
C LYS A 174 -9.93 1.67 14.00
N ASP A 175 -9.62 0.38 13.91
CA ASP A 175 -9.58 -0.49 15.11
C ASP A 175 -8.17 -0.92 15.51
N SER A 176 -7.16 -0.48 14.78
CA SER A 176 -5.75 -0.69 15.07
C SER A 176 -5.37 -2.17 15.14
N THR A 177 -6.14 -3.03 14.48
CA THR A 177 -5.71 -4.41 14.40
C THR A 177 -4.98 -4.68 13.10
N TYR A 178 -4.51 -5.90 12.99
CA TYR A 178 -3.88 -6.45 11.79
C TYR A 178 -4.68 -7.62 11.22
N SER A 179 -4.50 -7.85 9.91
CA SER A 179 -5.09 -9.06 9.33
C SER A 179 -4.06 -9.75 8.44
N MET A 180 -4.26 -11.03 8.18
CA MET A 180 -3.37 -11.77 7.30
C MET A 180 -4.15 -12.76 6.45
N SER A 181 -3.65 -13.07 5.26
CA SER A 181 -4.22 -14.09 4.39
C SER A 181 -3.11 -15.07 4.06
N SER A 182 -3.42 -16.36 4.09
CA SER A 182 -2.46 -17.41 3.77
C SER A 182 -3.16 -18.38 2.83
N THR A 183 -2.54 -18.60 1.68
CA THR A 183 -3.11 -19.47 0.66
C THR A 183 -2.11 -20.59 0.40
N LEU A 184 -2.60 -21.82 0.55
CA LEU A 184 -1.84 -23.01 0.17
C LEU A 184 -2.28 -23.40 -1.24
N THR A 185 -1.39 -23.33 -2.22
CA THR A 185 -1.75 -23.65 -3.58
C THR A 185 -1.09 -24.97 -3.98
N LEU A 186 -1.97 -25.94 -4.22
CA LEU A 186 -1.72 -27.26 -4.72
C LEU A 186 -2.27 -27.44 -6.14
N THR A 187 -1.90 -28.55 -6.78
CA THR A 187 -2.58 -28.92 -8.01
C THR A 187 -3.82 -29.70 -7.59
N LYS A 188 -4.78 -29.82 -8.49
CA LYS A 188 -5.98 -30.61 -8.17
C LYS A 188 -5.59 -32.05 -7.91
N ASP A 189 -4.67 -32.58 -8.71
CA ASP A 189 -4.17 -33.95 -8.58
C ASP A 189 -3.77 -34.22 -7.13
N GLU A 190 -2.92 -33.35 -6.59
CA GLU A 190 -2.44 -33.56 -5.23
C GLU A 190 -3.51 -33.29 -4.19
N TYR A 191 -4.28 -32.22 -4.39
CA TYR A 191 -5.38 -31.95 -3.49
C TYR A 191 -6.31 -33.15 -3.39
N GLU A 192 -6.61 -33.80 -4.51
CA GLU A 192 -7.54 -34.93 -4.45
C GLU A 192 -6.95 -36.24 -3.92
N ARG A 193 -5.67 -36.25 -3.55
CA ARG A 193 -5.06 -37.44 -2.95
C ARG A 193 -5.10 -37.42 -1.43
N HIS A 194 -5.45 -36.27 -0.85
CA HIS A 194 -5.42 -36.14 0.61
C HIS A 194 -6.79 -35.71 1.11
N ASN A 195 -6.99 -35.73 2.42
CA ASN A 195 -8.32 -35.50 2.94
C ASN A 195 -8.38 -34.27 3.85
N SER A 196 -7.50 -34.21 4.84
CA SER A 196 -7.66 -33.12 5.80
C SER A 196 -6.69 -31.99 5.49
N TYR A 197 -7.22 -30.77 5.55
CA TYR A 197 -6.50 -29.53 5.36
C TYR A 197 -6.65 -28.64 6.59
N THR A 198 -5.52 -28.20 7.13
CA THR A 198 -5.54 -27.46 8.39
C THR A 198 -4.66 -26.21 8.35
N CYS A 199 -5.24 -25.12 8.84
CA CYS A 199 -4.60 -23.83 8.98
C CYS A 199 -4.33 -23.60 10.46
N GLU A 200 -3.12 -23.40 10.97
CA GLU A 200 -2.84 -23.22 12.39
C GLU A 200 -2.15 -21.90 12.73
N ALA A 201 -2.75 -21.10 13.60
CA ALA A 201 -2.17 -19.80 13.93
C ALA A 201 -1.57 -19.77 15.33
N THR A 202 -0.31 -19.35 15.38
CA THR A 202 0.39 -19.14 16.66
C THR A 202 0.41 -17.64 16.96
N HIS A 203 -0.17 -17.24 18.09
CA HIS A 203 -0.33 -15.84 18.45
C HIS A 203 -0.27 -15.72 19.96
N LYS A 204 0.08 -14.56 20.50
CA LYS A 204 0.29 -14.47 21.94
C LYS A 204 -0.97 -14.61 22.79
N THR A 205 -2.13 -14.70 22.13
CA THR A 205 -3.40 -14.70 22.84
C THR A 205 -3.87 -16.11 23.16
N SER A 206 -3.05 -17.11 22.85
CA SER A 206 -3.43 -18.51 23.04
C SER A 206 -2.20 -19.40 23.19
N THR A 207 -2.22 -20.30 24.19
CA THR A 207 -1.11 -21.23 24.38
C THR A 207 -1.01 -22.21 23.21
N SER A 208 -2.16 -22.76 22.84
CA SER A 208 -2.26 -23.67 21.70
C SER A 208 -2.63 -22.90 20.44
N PRO A 209 -2.17 -23.26 19.25
CA PRO A 209 -2.56 -22.42 18.11
C PRO A 209 -4.06 -22.54 17.85
N ILE A 210 -4.60 -21.54 17.18
CA ILE A 210 -5.97 -21.50 16.72
C ILE A 210 -6.00 -22.30 15.40
N VAL A 211 -6.82 -23.33 15.37
CA VAL A 211 -6.83 -24.29 14.27
C VAL A 211 -8.16 -24.24 13.54
N LYS A 212 -8.09 -24.12 12.22
CA LYS A 212 -9.26 -24.28 11.39
C LYS A 212 -8.95 -25.37 10.35
N SER A 213 -9.96 -26.20 10.07
CA SER A 213 -9.67 -27.28 9.13
C SER A 213 -10.95 -27.80 8.47
N PHE A 214 -10.77 -28.62 7.44
CA PHE A 214 -11.88 -29.29 6.78
C PHE A 214 -11.38 -30.63 6.22
N ASN A 215 -12.32 -31.50 5.89
CA ASN A 215 -12.04 -32.80 5.30
C ASN A 215 -12.70 -32.81 3.93
N ARG A 216 -11.92 -33.18 2.93
CA ARG A 216 -12.37 -33.17 1.54
C ARG A 216 -13.55 -34.12 1.33
N ASN A 217 -13.58 -35.26 2.00
CA ASN A 217 -14.67 -36.21 1.78
C ASN A 217 -15.95 -35.86 2.53
N GLU B 1 -10.16 24.30 -5.01
CA GLU B 1 -9.41 23.06 -4.89
C GLU B 1 -8.40 22.92 -6.03
N VAL B 2 -7.17 23.03 -5.51
CA VAL B 2 -6.01 22.59 -6.25
C VAL B 2 -6.12 21.08 -6.49
N GLN B 3 -5.96 20.69 -7.74
CA GLN B 3 -5.94 19.28 -8.11
C GLN B 3 -4.78 18.95 -9.05
N LEU B 4 -4.15 17.81 -8.79
CA LEU B 4 -3.10 17.25 -9.63
C LEU B 4 -3.55 15.86 -10.06
N GLU B 5 -3.90 15.73 -11.32
CA GLU B 5 -4.47 14.49 -11.83
C GLU B 5 -3.45 13.84 -12.75
N GLU B 6 -2.98 12.69 -12.27
CA GLU B 6 -1.95 11.95 -13.00
C GLU B 6 -2.54 10.96 -13.99
N SER B 7 -1.76 10.60 -15.00
CA SER B 7 -2.16 9.63 -16.00
C SER B 7 -2.19 8.21 -15.41
N GLY B 8 -2.87 7.30 -16.11
CA GLY B 8 -3.15 5.98 -15.60
C GLY B 8 -1.95 5.03 -15.66
N PRO B 9 -2.17 3.85 -15.10
CA PRO B 9 -1.15 2.82 -14.94
C PRO B 9 -0.53 2.40 -16.28
N GLU B 10 0.78 2.18 -16.29
CA GLU B 10 1.49 1.80 -17.50
C GLU B 10 2.21 0.47 -17.30
N LEU B 11 2.04 -0.34 -18.35
CA LEU B 11 2.84 -1.54 -18.53
C LEU B 11 3.65 -1.32 -19.82
N VAL B 12 4.97 -1.29 -19.70
CA VAL B 12 5.87 -1.04 -20.82
C VAL B 12 7.05 -2.01 -20.80
N ARG B 13 7.57 -2.25 -22.00
CA ARG B 13 8.66 -3.20 -22.19
C ARG B 13 10.01 -2.57 -21.87
N PRO B 14 10.95 -3.36 -21.34
CA PRO B 14 12.27 -2.80 -21.03
C PRO B 14 12.87 -2.24 -22.32
N GLY B 15 13.67 -1.19 -22.17
CA GLY B 15 14.37 -0.51 -23.23
C GLY B 15 13.54 0.55 -23.93
N THR B 16 12.25 0.59 -23.63
CA THR B 16 11.41 1.61 -24.25
C THR B 16 11.40 2.87 -23.38
N SER B 17 10.59 3.84 -23.77
CA SER B 17 10.41 5.06 -23.00
C SER B 17 8.93 5.23 -22.65
N VAL B 18 8.64 5.94 -21.58
CA VAL B 18 7.25 6.23 -21.24
C VAL B 18 7.15 7.70 -20.83
N LYS B 19 6.00 8.30 -21.13
CA LYS B 19 5.80 9.69 -20.74
C LYS B 19 4.51 9.78 -19.94
N ILE B 20 4.64 10.14 -18.67
CA ILE B 20 3.47 10.22 -17.80
C ILE B 20 3.15 11.66 -17.49
N SER B 21 1.91 11.95 -17.14
CA SER B 21 1.55 13.36 -17.08
C SER B 21 0.83 13.66 -15.77
N CYS B 22 0.79 14.94 -15.51
CA CYS B 22 0.17 15.47 -14.30
C CYS B 22 -0.56 16.75 -14.70
N LYS B 23 -1.88 16.70 -14.72
CA LYS B 23 -2.70 17.84 -15.09
C LYS B 23 -3.09 18.65 -13.86
N ALA B 24 -2.68 19.92 -13.85
CA ALA B 24 -2.93 20.73 -12.67
C ALA B 24 -4.09 21.68 -12.91
N SER B 25 -4.81 21.95 -11.82
CA SER B 25 -5.89 22.92 -11.85
C SER B 25 -6.05 23.58 -10.49
N GLY B 26 -6.74 24.72 -10.45
CA GLY B 26 -7.03 25.28 -9.13
C GLY B 26 -6.05 26.37 -8.71
N TYR B 27 -5.06 26.66 -9.55
CA TYR B 27 -4.09 27.70 -9.22
C TYR B 27 -3.43 28.19 -10.51
N THR B 28 -2.59 29.22 -10.43
CA THR B 28 -1.85 29.68 -11.62
C THR B 28 -0.67 28.75 -11.87
N PHE B 29 -0.85 27.89 -12.87
CA PHE B 29 0.08 26.84 -13.25
C PHE B 29 1.52 27.30 -13.33
N THR B 30 1.72 28.47 -13.92
CA THR B 30 3.06 29.00 -14.12
C THR B 30 3.68 29.56 -12.85
N ASN B 31 2.94 29.69 -11.76
CA ASN B 31 3.47 30.36 -10.58
C ASN B 31 4.08 29.43 -9.54
N TYR B 32 4.01 28.12 -9.74
CA TYR B 32 4.47 27.18 -8.73
C TYR B 32 5.33 26.08 -9.33
N TRP B 33 6.34 25.68 -8.54
CA TRP B 33 7.13 24.51 -8.91
C TRP B 33 6.28 23.24 -8.76
N LEU B 34 6.50 22.31 -9.68
CA LEU B 34 5.92 20.98 -9.56
C LEU B 34 7.07 19.99 -9.48
N GLY B 35 6.98 19.03 -8.57
CA GLY B 35 8.06 18.06 -8.50
C GLY B 35 7.58 16.63 -8.70
N TRP B 36 8.56 15.75 -8.90
CA TRP B 36 8.29 14.35 -9.11
C TRP B 36 9.14 13.46 -8.21
N VAL B 37 8.47 12.46 -7.63
CA VAL B 37 9.14 11.53 -6.73
C VAL B 37 8.74 10.11 -7.14
N LYS B 38 9.67 9.21 -6.84
CA LYS B 38 9.58 7.79 -7.14
C LYS B 38 9.45 6.95 -5.87
N GLN B 39 8.53 6.00 -5.87
CA GLN B 39 8.40 5.07 -4.74
C GLN B 39 8.33 3.63 -5.28
N ARG B 40 9.39 2.87 -5.07
CA ARG B 40 9.45 1.48 -5.50
C ARG B 40 8.63 0.69 -4.47
N PRO B 41 8.01 -0.39 -4.92
CA PRO B 41 7.16 -1.19 -4.05
C PRO B 41 7.86 -1.55 -2.74
N GLY B 42 7.35 -1.11 -1.61
CA GLY B 42 7.91 -1.48 -0.31
C GLY B 42 9.02 -0.58 0.18
N HIS B 43 9.45 0.39 -0.63
CA HIS B 43 10.54 1.28 -0.30
C HIS B 43 10.04 2.70 0.01
N GLY B 44 11.02 3.56 0.28
CA GLY B 44 10.83 4.97 0.55
C GLY B 44 10.65 5.78 -0.72
N PHE B 45 10.96 7.07 -0.58
CA PHE B 45 10.87 8.00 -1.70
C PHE B 45 12.23 8.43 -2.23
N GLU B 46 12.28 8.61 -3.54
CA GLU B 46 13.41 9.21 -4.20
C GLU B 46 12.93 10.43 -4.99
N TRP B 47 13.59 11.56 -4.84
CA TRP B 47 13.25 12.76 -5.61
C TRP B 47 13.89 12.70 -6.99
N ILE B 48 13.09 13.05 -8.01
CA ILE B 48 13.55 12.99 -9.40
C ILE B 48 13.92 14.38 -9.92
N GLY B 49 13.07 15.39 -9.70
CA GLY B 49 13.34 16.73 -10.22
C GLY B 49 12.14 17.64 -10.02
N ASP B 50 12.34 18.93 -10.17
CA ASP B 50 11.31 19.94 -10.06
C ASP B 50 11.27 20.76 -11.35
N ILE B 51 10.09 21.25 -11.72
CA ILE B 51 9.96 22.09 -12.91
C ILE B 51 9.10 23.30 -12.55
N TYR B 52 9.50 24.46 -13.09
CA TYR B 52 8.80 25.72 -12.88
C TYR B 52 8.23 26.13 -14.25
N PRO B 53 6.94 25.91 -14.47
CA PRO B 53 6.37 26.12 -15.80
C PRO B 53 6.46 27.55 -16.31
N GLY B 54 6.56 28.54 -15.44
CA GLY B 54 6.66 29.91 -15.94
C GLY B 54 8.04 30.25 -16.44
N GLY B 55 8.98 29.33 -16.36
CA GLY B 55 10.37 29.52 -16.71
C GLY B 55 10.61 29.40 -18.20
N VAL B 56 10.73 28.18 -18.74
CA VAL B 56 10.65 26.95 -17.94
C VAL B 56 11.99 26.66 -17.29
N TYR B 57 11.99 26.41 -15.99
CA TYR B 57 13.20 26.10 -15.24
C TYR B 57 13.08 24.68 -14.67
N THR B 58 14.15 23.93 -14.66
CA THR B 58 14.13 22.64 -13.96
C THR B 58 15.35 22.51 -13.04
N THR B 59 15.16 21.74 -11.98
CA THR B 59 16.22 21.29 -11.08
C THR B 59 16.10 19.77 -11.03
N ASN B 60 17.22 19.08 -11.15
CA ASN B 60 17.22 17.64 -11.39
C ASN B 60 18.09 16.84 -10.43
N ASN B 61 17.67 15.60 -10.16
CA ASN B 61 18.50 14.64 -9.45
C ASN B 61 19.48 14.01 -10.45
N GLU B 62 20.76 14.27 -10.30
CA GLU B 62 21.70 13.70 -11.29
C GLU B 62 21.77 12.18 -11.26
N LYS B 63 21.22 11.53 -10.23
CA LYS B 63 21.19 10.06 -10.22
C LYS B 63 20.38 9.57 -11.42
N PHE B 64 19.44 10.39 -11.89
CA PHE B 64 18.62 10.08 -13.06
C PHE B 64 19.07 10.77 -14.34
N ARG B 65 20.29 11.29 -14.40
CA ARG B 65 20.81 11.87 -15.65
C ARG B 65 20.68 10.90 -16.82
N GLY B 66 20.06 11.40 -17.89
CA GLY B 66 19.90 10.65 -19.11
C GLY B 66 18.64 9.81 -19.11
N LYS B 67 18.09 9.58 -17.91
CA LYS B 67 16.93 8.71 -17.79
C LYS B 67 15.62 9.47 -17.68
N ALA B 68 15.64 10.62 -17.01
CA ALA B 68 14.43 11.40 -16.78
C ALA B 68 14.50 12.79 -17.41
N ILE B 69 13.38 13.19 -18.01
CA ILE B 69 13.30 14.57 -18.50
C ILE B 69 11.92 15.14 -18.18
N LEU B 70 11.90 16.34 -17.60
CA LEU B 70 10.69 17.03 -17.19
C LEU B 70 10.34 18.14 -18.17
N THR B 71 9.06 18.22 -18.52
CA THR B 71 8.57 19.26 -19.42
C THR B 71 7.21 19.73 -18.90
N ALA B 72 6.75 20.84 -19.44
CA ALA B 72 5.46 21.41 -19.08
C ALA B 72 4.84 22.07 -20.31
N ASP B 73 3.53 21.93 -20.40
CA ASP B 73 2.70 22.54 -21.44
C ASP B 73 1.82 23.58 -20.74
N THR B 74 2.22 24.84 -20.89
CA THR B 74 1.51 25.96 -20.30
C THR B 74 0.11 26.07 -20.89
N SER B 75 -0.06 25.66 -22.15
CA SER B 75 -1.38 25.74 -22.80
C SER B 75 -2.38 24.83 -22.11
N SER B 76 -1.94 23.67 -21.60
CA SER B 76 -2.88 22.74 -20.98
C SER B 76 -2.66 22.57 -19.47
N SER B 77 -1.77 23.35 -18.86
CA SER B 77 -1.54 23.21 -17.43
C SER B 77 -1.19 21.77 -17.09
N THR B 78 -0.34 21.18 -17.92
CA THR B 78 0.08 19.80 -17.71
C THR B 78 1.60 19.71 -17.65
N ALA B 79 2.08 18.99 -16.64
CA ALA B 79 3.49 18.66 -16.52
C ALA B 79 3.69 17.21 -16.97
N TYR B 80 4.84 16.96 -17.57
CA TYR B 80 5.19 15.65 -18.06
C TYR B 80 6.56 15.20 -17.53
N MET B 81 6.63 13.90 -17.31
CA MET B 81 7.93 13.31 -17.04
C MET B 81 8.17 12.14 -18.00
N GLN B 82 9.31 12.19 -18.67
CA GLN B 82 9.62 11.10 -19.61
C GLN B 82 10.76 10.27 -19.02
N LEU B 83 10.59 8.96 -19.01
CA LEU B 83 11.55 8.01 -18.51
C LEU B 83 12.04 7.13 -19.65
N SER B 84 13.35 7.06 -19.90
CA SER B 84 13.78 6.26 -21.04
C SER B 84 14.69 5.10 -20.65
N SER B 85 15.04 4.28 -21.64
CA SER B 85 15.89 3.10 -21.43
C SER B 85 15.40 2.30 -20.22
N LEU B 86 14.11 2.00 -20.22
CA LEU B 86 13.51 1.48 -18.98
C LEU B 86 14.00 0.10 -18.58
N THR B 87 14.15 -0.13 -17.28
CA THR B 87 14.37 -1.46 -16.75
C THR B 87 13.43 -1.68 -15.56
N SER B 88 13.40 -2.90 -15.03
CA SER B 88 12.58 -3.25 -13.87
C SER B 88 12.94 -2.38 -12.67
N GLU B 89 14.14 -1.79 -12.67
CA GLU B 89 14.49 -0.86 -11.61
C GLU B 89 13.64 0.41 -11.70
N ASP B 90 13.01 0.68 -12.82
CA ASP B 90 12.15 1.85 -12.99
C ASP B 90 10.70 1.56 -12.63
N SER B 91 10.43 0.29 -12.33
CA SER B 91 9.08 -0.09 -11.88
C SER B 91 8.80 0.56 -10.53
N ALA B 92 7.73 1.34 -10.48
CA ALA B 92 7.50 2.15 -9.26
C ALA B 92 6.21 2.93 -9.43
N VAL B 93 5.74 3.54 -8.35
CA VAL B 93 4.69 4.53 -8.42
C VAL B 93 5.38 5.90 -8.48
N TYR B 94 5.01 6.73 -9.44
CA TYR B 94 5.59 8.06 -9.57
C TYR B 94 4.54 9.08 -9.14
N PHE B 95 4.91 10.00 -8.28
CA PHE B 95 3.98 11.05 -7.82
C PHE B 95 4.40 12.43 -8.32
N CYS B 96 3.45 13.28 -8.67
CA CYS B 96 3.80 14.68 -8.90
C CYS B 96 3.30 15.46 -7.68
N ALA B 97 3.94 16.56 -7.34
CA ALA B 97 3.54 17.35 -6.20
C ALA B 97 3.73 18.83 -6.48
N ARG B 98 2.88 19.68 -5.94
CA ARG B 98 3.08 21.12 -6.05
C ARG B 98 3.85 21.64 -4.83
N ALA B 99 4.86 22.47 -5.11
CA ALA B 99 5.61 23.10 -4.05
C ALA B 99 4.85 24.38 -3.71
N GLY B 100 4.32 24.43 -2.51
CA GLY B 100 3.52 25.45 -1.89
C GLY B 100 4.04 26.87 -2.04
N GLY B 101 5.31 27.02 -2.40
CA GLY B 101 5.89 28.34 -2.49
C GLY B 101 7.37 28.32 -2.11
N TYR B 102 7.78 29.42 -1.47
CA TYR B 102 9.17 29.58 -1.09
C TYR B 102 9.56 28.63 0.05
N TYR B 103 9.98 27.45 -0.38
CA TYR B 103 10.53 26.39 0.47
C TYR B 103 9.53 26.00 1.54
N THR B 104 8.28 25.81 1.12
CA THR B 104 7.27 25.38 2.09
C THR B 104 6.85 23.94 1.80
N GLY B 105 7.58 23.22 0.95
CA GLY B 105 7.35 21.81 0.71
C GLY B 105 6.27 21.43 -0.28
N GLY B 106 6.05 20.13 -0.48
CA GLY B 106 4.99 19.67 -1.40
C GLY B 106 3.61 19.67 -0.78
N ASP B 107 2.81 20.71 -1.00
CA ASP B 107 1.55 20.88 -0.29
C ASP B 107 0.38 20.17 -0.96
N TYR B 108 0.37 19.96 -2.28
CA TYR B 108 -0.65 19.17 -2.97
C TYR B 108 -0.01 18.04 -3.78
N TRP B 109 -0.61 16.86 -3.75
CA TRP B 109 -0.03 15.67 -4.38
C TRP B 109 -1.01 15.02 -5.36
N GLY B 110 -0.45 14.56 -6.47
CA GLY B 110 -1.21 13.70 -7.38
C GLY B 110 -1.46 12.34 -6.75
N GLN B 111 -2.27 11.50 -7.40
CA GLN B 111 -2.63 10.19 -6.85
C GLN B 111 -1.60 9.12 -7.18
N GLY B 112 -0.59 9.47 -7.97
CA GLY B 112 0.46 8.58 -8.35
C GLY B 112 0.15 7.81 -9.63
N THR B 113 1.18 7.49 -10.38
CA THR B 113 1.12 6.65 -11.57
C THR B 113 2.04 5.43 -11.40
N SER B 114 1.41 4.28 -11.46
CA SER B 114 2.09 2.99 -11.44
C SER B 114 2.65 2.65 -12.82
N VAL B 115 3.97 2.44 -12.84
CA VAL B 115 4.66 2.03 -14.05
C VAL B 115 5.32 0.67 -13.79
N THR B 116 4.92 -0.26 -14.62
CA THR B 116 5.54 -1.58 -14.59
C THR B 116 6.36 -1.78 -15.86
N VAL B 117 7.62 -2.14 -15.68
CA VAL B 117 8.56 -2.38 -16.77
C VAL B 117 8.82 -3.88 -16.81
N SER B 118 8.30 -4.53 -17.84
CA SER B 118 8.38 -5.97 -17.95
C SER B 118 8.16 -6.47 -19.37
N SER B 119 8.77 -7.62 -19.65
CA SER B 119 8.53 -8.41 -20.84
C SER B 119 7.32 -9.33 -20.72
N ALA B 120 6.76 -9.46 -19.52
CA ALA B 120 5.67 -10.41 -19.31
C ALA B 120 4.41 -9.90 -19.97
N LYS B 121 3.55 -10.87 -20.30
CA LYS B 121 2.34 -10.47 -21.01
C LYS B 121 1.21 -10.16 -20.03
N THR B 122 0.40 -9.18 -20.40
CA THR B 122 -0.79 -8.86 -19.63
C THR B 122 -1.70 -10.07 -19.54
N THR B 123 -2.21 -10.38 -18.35
CA THR B 123 -3.02 -11.57 -18.11
C THR B 123 -4.19 -11.17 -17.21
N PRO B 124 -5.42 -11.38 -17.64
CA PRO B 124 -6.59 -11.09 -16.79
C PRO B 124 -6.61 -12.00 -15.56
N PRO B 125 -7.21 -11.53 -14.46
CA PRO B 125 -7.29 -12.35 -13.25
C PRO B 125 -8.37 -13.42 -13.38
N SER B 126 -8.16 -14.57 -12.73
CA SER B 126 -9.23 -15.50 -12.41
C SER B 126 -9.75 -15.18 -11.00
N VAL B 127 -11.05 -15.11 -10.82
CA VAL B 127 -11.68 -14.74 -9.56
C VAL B 127 -12.51 -15.88 -9.02
N TYR B 128 -12.08 -16.41 -7.88
CA TYR B 128 -12.79 -17.56 -7.32
C TYR B 128 -13.51 -17.17 -6.05
N PRO B 129 -14.74 -17.63 -5.88
CA PRO B 129 -15.54 -17.29 -4.69
C PRO B 129 -15.07 -18.12 -3.50
N LEU B 130 -15.05 -17.50 -2.34
CA LEU B 130 -14.71 -18.17 -1.09
C LEU B 130 -15.96 -18.20 -0.19
N ALA B 131 -16.64 -19.35 -0.14
CA ALA B 131 -17.90 -19.47 0.59
C ALA B 131 -17.75 -20.47 1.72
N PRO B 132 -18.43 -20.24 2.83
CA PRO B 132 -18.46 -21.25 3.90
C PRO B 132 -19.47 -22.33 3.51
N GLY B 133 -19.40 -23.43 4.25
CA GLY B 133 -20.28 -24.57 4.13
C GLY B 133 -19.72 -25.84 4.74
N SER B 134 -18.45 -26.15 4.47
CA SER B 134 -17.89 -27.38 5.03
C SER B 134 -17.30 -27.12 6.40
N ALA B 135 -18.14 -26.58 7.29
CA ALA B 135 -17.73 -26.29 8.66
C ALA B 135 -18.36 -25.00 9.17
N ALA B 136 -19.55 -25.12 9.74
CA ALA B 136 -20.26 -23.96 10.27
C ALA B 136 -19.30 -22.85 10.65
N GLN B 137 -19.36 -21.74 9.93
CA GLN B 137 -18.49 -20.60 10.19
C GLN B 137 -18.99 -19.75 11.35
N THR B 138 -18.29 -19.78 12.47
CA THR B 138 -18.64 -19.03 13.67
C THR B 138 -20.07 -18.80 13.92
N ASN B 139 -20.35 -17.89 14.86
CA ASN B 139 -21.80 -17.76 15.14
C ASN B 139 -22.57 -16.45 14.82
N SER B 140 -22.00 -15.22 14.94
CA SER B 140 -22.88 -13.97 14.76
C SER B 140 -22.61 -13.22 13.46
N MET B 141 -21.38 -13.46 13.03
CA MET B 141 -20.79 -12.91 11.82
C MET B 141 -20.33 -14.07 10.93
N VAL B 142 -20.36 -13.83 9.61
CA VAL B 142 -19.88 -14.84 8.68
C VAL B 142 -18.83 -14.15 7.79
N THR B 143 -17.74 -14.87 7.50
CA THR B 143 -16.70 -14.33 6.63
C THR B 143 -16.78 -15.00 5.25
N LEU B 144 -16.81 -14.17 4.22
CA LEU B 144 -16.77 -14.56 2.82
C LEU B 144 -15.53 -13.97 2.15
N GLY B 145 -15.26 -14.36 0.90
CA GLY B 145 -14.11 -13.75 0.27
C GLY B 145 -14.03 -14.04 -1.21
N CYS B 146 -13.01 -13.46 -1.83
CA CYS B 146 -12.66 -13.76 -3.20
C CYS B 146 -11.15 -13.97 -3.31
N LEU B 147 -10.78 -14.94 -4.12
CA LEU B 147 -9.39 -15.26 -4.45
C LEU B 147 -9.15 -14.79 -5.88
N VAL B 148 -8.21 -13.86 -6.06
CA VAL B 148 -7.95 -13.25 -7.36
C VAL B 148 -6.57 -13.75 -7.80
N LYS B 149 -6.58 -14.61 -8.81
CA LYS B 149 -5.33 -15.29 -9.10
C LYS B 149 -4.90 -15.24 -10.55
N GLY B 150 -3.60 -15.26 -10.78
CA GLY B 150 -3.00 -15.36 -12.09
C GLY B 150 -3.13 -14.17 -13.00
N TYR B 151 -3.00 -12.96 -12.47
CA TYR B 151 -3.07 -11.78 -13.30
C TYR B 151 -1.70 -11.08 -13.38
N PHE B 152 -1.59 -10.24 -14.41
CA PHE B 152 -0.44 -9.38 -14.56
C PHE B 152 -0.81 -8.24 -15.48
N PRO B 153 -0.36 -7.01 -15.27
CA PRO B 153 0.39 -6.57 -14.10
C PRO B 153 -0.50 -6.07 -12.97
N GLU B 154 0.10 -5.46 -11.95
CA GLU B 154 -0.62 -4.64 -10.98
C GLU B 154 -1.10 -3.37 -11.68
N PRO B 155 -2.15 -2.72 -11.22
CA PRO B 155 -3.00 -3.18 -10.13
C PRO B 155 -4.32 -3.80 -10.56
N VAL B 156 -5.02 -4.35 -9.57
CA VAL B 156 -6.44 -4.65 -9.60
C VAL B 156 -7.13 -3.79 -8.53
N THR B 157 -8.42 -3.58 -8.72
CA THR B 157 -9.32 -2.88 -7.81
C THR B 157 -10.41 -3.84 -7.34
N VAL B 158 -10.52 -4.03 -6.02
CA VAL B 158 -11.52 -4.93 -5.48
C VAL B 158 -12.56 -4.14 -4.66
N THR B 159 -13.83 -4.38 -4.97
CA THR B 159 -14.92 -3.85 -4.22
C THR B 159 -15.91 -4.97 -3.93
N TRP B 160 -16.83 -4.63 -3.04
CA TRP B 160 -17.88 -5.58 -2.68
C TRP B 160 -19.22 -4.89 -2.90
N ASN B 161 -20.12 -5.58 -3.58
CA ASN B 161 -21.42 -5.03 -3.97
C ASN B 161 -21.25 -3.65 -4.61
N SER B 162 -20.28 -3.59 -5.50
CA SER B 162 -19.95 -2.42 -6.28
C SER B 162 -19.64 -1.24 -5.36
N GLY B 163 -19.08 -1.54 -4.20
CA GLY B 163 -18.66 -0.51 -3.27
C GLY B 163 -19.63 -0.18 -2.16
N SER B 164 -20.81 -0.80 -2.15
CA SER B 164 -21.81 -0.47 -1.13
C SER B 164 -21.57 -1.24 0.17
N LEU B 165 -20.69 -2.22 0.08
CA LEU B 165 -20.25 -2.97 1.26
C LEU B 165 -18.80 -2.65 1.52
N SER B 166 -18.48 -1.91 2.60
CA SER B 166 -17.09 -1.50 2.80
C SER B 166 -16.62 -1.78 4.22
N SER B 167 -17.58 -1.76 5.15
CA SER B 167 -17.16 -2.06 6.52
C SER B 167 -16.71 -3.51 6.63
N GLY B 168 -15.62 -3.81 7.34
CA GLY B 168 -15.40 -5.26 7.46
C GLY B 168 -14.80 -5.94 6.25
N VAL B 169 -14.35 -5.14 5.29
CA VAL B 169 -13.59 -5.64 4.14
C VAL B 169 -12.09 -5.57 4.42
N HIS B 170 -11.42 -6.66 4.05
CA HIS B 170 -9.96 -6.69 4.08
C HIS B 170 -9.41 -7.13 2.73
N THR B 171 -8.77 -6.21 2.02
CA THR B 171 -8.15 -6.60 0.74
C THR B 171 -6.64 -6.59 0.95
N PHE B 172 -6.05 -7.75 0.68
CA PHE B 172 -4.67 -8.02 1.00
C PHE B 172 -3.76 -7.63 -0.13
N PRO B 173 -2.56 -7.14 0.19
CA PRO B 173 -1.58 -6.84 -0.88
C PRO B 173 -1.33 -8.06 -1.75
N ALA B 174 -1.17 -7.79 -3.04
CA ALA B 174 -0.86 -8.85 -4.00
C ALA B 174 0.54 -9.41 -3.78
N VAL B 175 0.70 -10.69 -4.10
CA VAL B 175 2.03 -11.28 -4.09
C VAL B 175 2.34 -11.82 -5.48
N LEU B 176 3.54 -11.51 -5.94
CA LEU B 176 3.99 -11.97 -7.25
C LEU B 176 4.69 -13.32 -7.14
N GLN B 177 4.41 -14.21 -8.07
CA GLN B 177 5.01 -15.53 -8.11
C GLN B 177 4.94 -16.12 -9.51
N SER B 178 6.07 -16.55 -10.06
CA SER B 178 5.98 -17.17 -11.39
C SER B 178 5.45 -16.19 -12.43
N ASP B 179 5.76 -14.91 -12.25
CA ASP B 179 5.37 -13.87 -13.19
C ASP B 179 3.88 -13.56 -13.15
N LEU B 180 3.20 -14.04 -12.10
CA LEU B 180 1.79 -13.66 -11.97
C LEU B 180 1.49 -13.32 -10.52
N TYR B 181 0.52 -12.43 -10.37
CA TYR B 181 0.09 -11.92 -9.09
C TYR B 181 -1.15 -12.67 -8.57
N THR B 182 -1.18 -12.80 -7.25
CA THR B 182 -2.33 -13.36 -6.57
C THR B 182 -2.69 -12.43 -5.41
N LEU B 183 -3.98 -12.20 -5.24
CA LEU B 183 -4.50 -11.31 -4.20
C LEU B 183 -5.71 -11.99 -3.58
N SER B 184 -6.06 -11.63 -2.36
CA SER B 184 -7.26 -12.15 -1.70
C SER B 184 -8.02 -10.98 -1.08
N SER B 185 -9.32 -11.13 -0.92
CA SER B 185 -10.11 -10.13 -0.21
C SER B 185 -11.16 -10.85 0.63
N SER B 186 -11.29 -10.47 1.90
CA SER B 186 -12.38 -11.03 2.69
C SER B 186 -13.39 -9.94 3.04
N VAL B 187 -14.61 -10.39 3.34
CA VAL B 187 -15.67 -9.49 3.83
C VAL B 187 -16.43 -10.20 4.95
N THR B 188 -16.67 -9.51 6.05
CA THR B 188 -17.40 -10.07 7.18
C THR B 188 -18.73 -9.36 7.38
N VAL B 189 -19.84 -10.11 7.34
CA VAL B 189 -21.16 -9.50 7.45
C VAL B 189 -21.95 -10.26 8.51
N PRO B 190 -23.07 -9.72 8.98
CA PRO B 190 -23.92 -10.47 9.91
C PRO B 190 -24.45 -11.77 9.29
N SER B 191 -24.35 -12.84 10.05
CA SER B 191 -24.80 -14.18 9.75
C SER B 191 -26.26 -14.22 9.28
N SER B 192 -27.07 -13.33 9.85
CA SER B 192 -28.48 -13.30 9.49
C SER B 192 -28.74 -12.72 8.11
N THR B 193 -27.75 -12.09 7.49
CA THR B 193 -27.90 -11.38 6.23
C THR B 193 -27.27 -12.06 5.02
N TRP B 194 -26.59 -13.18 5.21
CA TRP B 194 -26.13 -13.91 4.03
C TRP B 194 -26.74 -15.30 4.13
N PRO B 195 -27.24 -15.88 3.05
CA PRO B 195 -27.27 -15.24 1.73
C PRO B 195 -28.48 -14.38 1.44
N SER B 196 -29.31 -13.99 2.40
CA SER B 196 -30.56 -13.31 2.03
C SER B 196 -30.23 -11.99 1.33
N GLU B 197 -29.25 -11.33 1.92
CA GLU B 197 -28.66 -10.11 1.39
C GLU B 197 -27.42 -10.47 0.56
N THR B 198 -27.51 -10.59 -0.75
CA THR B 198 -26.39 -11.09 -1.56
C THR B 198 -25.08 -10.32 -1.39
N VAL B 199 -24.01 -11.08 -1.60
CA VAL B 199 -22.65 -10.54 -1.50
C VAL B 199 -21.86 -10.95 -2.74
N THR B 200 -21.29 -9.97 -3.42
CA THR B 200 -20.60 -10.13 -4.69
C THR B 200 -19.29 -9.37 -4.68
N CYS B 201 -18.17 -10.00 -5.04
CA CYS B 201 -16.95 -9.20 -5.18
C CYS B 201 -16.79 -8.77 -6.65
N ASN B 202 -16.25 -7.57 -6.80
CA ASN B 202 -16.01 -6.94 -8.09
C ASN B 202 -14.51 -6.71 -8.24
N VAL B 203 -13.91 -7.34 -9.23
CA VAL B 203 -12.46 -7.22 -9.37
C VAL B 203 -12.14 -6.54 -10.69
N ALA B 204 -11.62 -5.33 -10.68
CA ALA B 204 -11.27 -4.64 -11.92
C ALA B 204 -9.78 -4.70 -12.19
N HIS B 205 -9.45 -5.05 -13.43
CA HIS B 205 -8.08 -5.11 -13.90
C HIS B 205 -7.92 -4.27 -15.16
N PRO B 206 -7.70 -2.98 -14.97
CA PRO B 206 -7.69 -2.07 -16.12
C PRO B 206 -6.65 -2.46 -17.16
N ALA B 207 -5.50 -3.01 -16.78
CA ALA B 207 -4.48 -3.36 -17.78
C ALA B 207 -5.00 -4.34 -18.84
N SER B 208 -5.93 -5.23 -18.44
CA SER B 208 -6.48 -6.20 -19.39
C SER B 208 -7.89 -5.80 -19.81
N SER B 209 -8.31 -4.61 -19.39
CA SER B 209 -9.63 -4.06 -19.70
C SER B 209 -10.70 -5.08 -19.36
N THR B 210 -10.52 -5.74 -18.21
CA THR B 210 -11.41 -6.75 -17.69
C THR B 210 -11.90 -6.43 -16.29
N LYS B 211 -13.19 -6.68 -16.07
CA LYS B 211 -13.72 -6.64 -14.72
C LYS B 211 -14.50 -7.93 -14.51
N VAL B 212 -14.39 -8.53 -13.32
CA VAL B 212 -15.25 -9.70 -13.14
C VAL B 212 -15.98 -9.59 -11.81
N ASP B 213 -17.28 -9.90 -11.85
CA ASP B 213 -18.12 -9.95 -10.68
C ASP B 213 -18.42 -11.40 -10.32
N LYS B 214 -18.15 -11.74 -9.08
CA LYS B 214 -18.39 -13.06 -8.56
C LYS B 214 -19.34 -12.98 -7.35
N LYS B 215 -20.58 -13.45 -7.53
CA LYS B 215 -21.50 -13.56 -6.40
C LYS B 215 -21.08 -14.71 -5.50
N ILE B 216 -21.09 -14.49 -4.18
CA ILE B 216 -20.73 -15.60 -3.28
C ILE B 216 -22.00 -16.31 -2.82
N VAL B 217 -22.14 -17.54 -3.29
CA VAL B 217 -23.30 -18.36 -2.93
C VAL B 217 -22.87 -19.54 -2.06
N PRO B 218 -23.76 -20.00 -1.20
CA PRO B 218 -23.48 -21.13 -0.30
C PRO B 218 -23.02 -22.39 -1.03
#